data_4R2H
#
_entry.id   4R2H
#
_cell.length_a   51.870
_cell.length_b   57.960
_cell.length_c   67.390
_cell.angle_alpha   90.000
_cell.angle_beta   90.000
_cell.angle_gamma   90.000
#
_symmetry.space_group_name_H-M   'P 21 21 21'
#
loop_
_entity.id
_entity.type
_entity.pdbx_description
1 polymer 'STIV B204 ATPase'
2 non-polymer 'ZINC ION'
3 water water
#
_entity_poly.entity_id   1
_entity_poly.type   'polypeptide(L)'
_entity_poly.pdbx_seq_one_letter_code
;MNPDDIVVIIGRKRSGKSYLIKHYFIPVLKAHKISYIIDDHNLLRSGSEYSKFGYNVVTLSDIVSKQYVVVYDREKNDVF
FEKLWNGAKLHAKKWGTSVLIIDEAYYHFKYRQKVTPAIDEALHANRHAGIGLILSTQRVYDLMPIVYKQADLIIMFYTR
EPNELKWISKYISTEAAEKVKTLKQYYFLIYDVNSQMIKIHKPIHHHHHH
;
_entity_poly.pdbx_strand_id   A
#
loop_
_chem_comp.id
_chem_comp.type
_chem_comp.name
_chem_comp.formula
ZN non-polymer 'ZINC ION' 'Zn 2'
#
# COMPACT_ATOMS: atom_id res chain seq x y z
N MET A 1 13.67 -13.85 2.20
CA MET A 1 12.61 -12.87 1.98
C MET A 1 13.19 -11.46 1.99
N ASN A 2 12.93 -10.71 0.91
CA ASN A 2 13.42 -9.35 0.75
C ASN A 2 12.37 -8.50 0.02
N PRO A 3 11.32 -8.09 0.74
CA PRO A 3 10.19 -7.47 0.03
C PRO A 3 10.40 -5.98 -0.21
N ASP A 4 11.08 -5.65 -1.29
CA ASP A 4 11.33 -4.24 -1.57
C ASP A 4 10.62 -3.81 -2.85
N ASP A 5 9.55 -4.51 -3.22
CA ASP A 5 8.81 -4.12 -4.40
C ASP A 5 7.57 -3.28 -4.03
N ILE A 6 6.81 -2.88 -5.03
CA ILE A 6 5.67 -1.98 -4.85
C ILE A 6 4.39 -2.66 -5.27
N VAL A 7 3.48 -2.79 -4.30
CA VAL A 7 2.18 -3.42 -4.52
C VAL A 7 1.10 -2.37 -4.29
N VAL A 8 0.25 -2.19 -5.29
CA VAL A 8 -0.93 -1.36 -5.15
C VAL A 8 -2.18 -2.24 -5.05
N ILE A 9 -3.05 -1.96 -4.09
CA ILE A 9 -4.23 -2.77 -3.86
C ILE A 9 -5.45 -1.87 -3.95
N ILE A 10 -6.33 -2.16 -4.89
CA ILE A 10 -7.50 -1.32 -5.14
C ILE A 10 -8.79 -2.04 -4.82
N GLY A 11 -9.59 -1.43 -3.95
CA GLY A 11 -10.84 -2.04 -3.54
C GLY A 11 -11.65 -1.13 -2.66
N ARG A 12 -12.96 -1.11 -2.89
CA ARG A 12 -13.88 -0.36 -2.06
C ARG A 12 -14.04 -0.95 -0.68
N LYS A 13 -14.58 -0.16 0.24
CA LYS A 13 -14.96 -0.68 1.55
C LYS A 13 -15.79 -1.94 1.33
N ARG A 14 -15.55 -2.94 2.17
CA ARG A 14 -16.23 -4.24 2.13
C ARG A 14 -15.87 -5.10 0.92
N SER A 15 -14.94 -4.66 0.08
CA SER A 15 -14.49 -5.49 -1.05
C SER A 15 -13.73 -6.74 -0.59
N GLY A 16 -13.11 -6.65 0.59
CA GLY A 16 -12.32 -7.75 1.12
C GLY A 16 -10.84 -7.42 1.11
N LYS A 17 -10.54 -6.21 0.67
CA LYS A 17 -9.18 -5.72 0.62
C LYS A 17 -8.56 -5.64 2.01
N SER A 18 -9.34 -5.21 2.98
CA SER A 18 -8.83 -5.04 4.35
C SER A 18 -8.39 -6.37 4.91
N TYR A 19 -9.14 -7.41 4.58
CA TYR A 19 -8.83 -8.75 5.05
C TYR A 19 -7.54 -9.24 4.40
N LEU A 20 -7.35 -8.92 3.13
CA LEU A 20 -6.13 -9.31 2.42
C LEU A 20 -4.88 -8.67 3.05
N ILE A 21 -4.99 -7.41 3.44
CA ILE A 21 -3.88 -6.70 4.08
C ILE A 21 -3.66 -7.15 5.54
N LYS A 22 -4.73 -7.11 6.32
CA LYS A 22 -4.62 -7.39 7.76
C LYS A 22 -4.52 -8.87 8.13
N HIS A 23 -5.12 -9.76 7.32
CA HIS A 23 -5.09 -11.18 7.64
C HIS A 23 -4.18 -12.02 6.74
N TYR A 24 -3.54 -11.39 5.77
CA TYR A 24 -2.54 -12.12 5.00
C TYR A 24 -1.21 -11.37 4.98
N PHE A 25 -1.16 -10.23 4.28
CA PHE A 25 0.13 -9.55 4.07
C PHE A 25 0.86 -9.22 5.37
N ILE A 26 0.18 -8.55 6.29
CA ILE A 26 0.85 -8.17 7.54
C ILE A 26 1.28 -9.40 8.37
N PRO A 27 0.38 -10.38 8.58
CA PRO A 27 0.85 -11.57 9.29
C PRO A 27 2.00 -12.33 8.63
N VAL A 28 2.07 -12.35 7.30
CA VAL A 28 3.19 -13.02 6.64
C VAL A 28 4.50 -12.28 6.92
N LEU A 29 4.46 -10.96 6.87
CA LEU A 29 5.65 -10.17 7.19
C LEU A 29 6.08 -10.43 8.62
N LYS A 30 5.13 -10.41 9.55
CA LYS A 30 5.44 -10.67 10.96
C LYS A 30 6.07 -12.05 11.13
N ALA A 31 5.48 -13.04 10.47
CA ALA A 31 5.95 -14.43 10.57
C ALA A 31 7.40 -14.58 10.13
N HIS A 32 7.79 -13.80 9.13
CA HIS A 32 9.15 -13.87 8.61
C HIS A 32 10.03 -12.81 9.21
N LYS A 33 9.52 -12.15 10.24
CA LYS A 33 10.22 -11.07 10.94
C LYS A 33 10.69 -9.98 10.00
N ILE A 34 9.83 -9.62 9.06
CA ILE A 34 10.08 -8.46 8.20
C ILE A 34 9.41 -7.24 8.82
N SER A 35 10.19 -6.21 9.13
CA SER A 35 9.64 -5.06 9.79
C SER A 35 8.68 -4.30 8.87
N TYR A 36 7.75 -3.58 9.47
CA TYR A 36 6.82 -2.78 8.69
C TYR A 36 6.39 -1.55 9.48
N ILE A 37 5.94 -0.57 8.71
CA ILE A 37 5.37 0.66 9.22
C ILE A 37 4.04 0.89 8.55
N ILE A 38 3.00 1.03 9.36
CA ILE A 38 1.64 1.25 8.85
C ILE A 38 1.20 2.69 9.06
N ASP A 39 0.88 3.35 7.96
CA ASP A 39 0.40 4.71 7.97
C ASP A 39 -1.12 4.68 7.93
N ASP A 40 -1.75 5.03 9.05
CA ASP A 40 -3.20 4.96 9.17
C ASP A 40 -3.83 6.34 9.46
N HIS A 41 -4.87 6.69 8.71
CA HIS A 41 -5.48 8.02 8.79
C HIS A 41 -6.89 7.94 9.34
N ASN A 42 -7.34 6.72 9.61
CA ASN A 42 -8.71 6.48 10.05
C ASN A 42 -8.89 6.77 11.53
N LEU A 43 -9.24 8.01 11.83
CA LEU A 43 -9.52 8.43 13.18
C LEU A 43 -10.81 7.78 13.73
N LEU A 44 -10.65 6.66 14.43
CA LEU A 44 -11.72 6.10 15.23
C LEU A 44 -11.38 6.39 16.68
N ARG A 45 -12.37 6.58 17.53
CA ARG A 45 -12.03 6.94 18.90
C ARG A 45 -11.72 5.67 19.68
N SER A 46 -12.12 4.51 19.14
CA SER A 46 -11.60 3.23 19.62
C SER A 46 -10.17 2.99 19.13
N GLY A 47 -9.63 3.95 18.39
CA GLY A 47 -8.25 3.91 17.95
C GLY A 47 -8.07 3.20 16.62
N SER A 48 -6.82 3.08 16.19
CA SER A 48 -6.51 2.50 14.88
C SER A 48 -6.95 1.04 14.75
N GLU A 49 -7.56 0.73 13.60
CA GLU A 49 -7.90 -0.66 13.27
C GLU A 49 -6.65 -1.53 13.08
N TYR A 50 -5.47 -0.89 13.08
CA TYR A 50 -4.20 -1.60 12.94
C TYR A 50 -3.44 -1.74 14.25
N SER A 51 -4.06 -1.34 15.36
CA SER A 51 -3.37 -1.29 16.65
C SER A 51 -2.81 -2.64 17.09
N LYS A 52 -3.45 -3.73 16.70
CA LYS A 52 -2.98 -5.03 17.15
C LYS A 52 -1.76 -5.51 16.35
N PHE A 53 -1.40 -4.77 15.31
CA PHE A 53 -0.29 -5.19 14.45
C PHE A 53 1.02 -4.48 14.74
N GLY A 54 0.98 -3.45 15.57
CA GLY A 54 2.22 -2.74 15.81
C GLY A 54 2.13 -1.73 16.93
N TYR A 55 3.23 -1.02 17.14
CA TYR A 55 3.38 -0.11 18.26
C TYR A 55 3.45 1.33 17.77
N ASN A 56 2.86 2.26 18.52
CA ASN A 56 3.07 3.67 18.26
C ASN A 56 4.41 4.11 18.84
N VAL A 57 5.35 4.53 17.99
CA VAL A 57 6.70 4.89 18.43
C VAL A 57 6.76 6.29 19.03
N VAL A 58 7.13 6.39 20.29
CA VAL A 58 7.11 7.67 20.98
C VAL A 58 8.46 8.05 21.54
N THR A 59 9.07 7.11 22.27
CA THR A 59 10.30 7.32 23.02
C THR A 59 11.55 6.83 22.29
N LEU A 60 12.72 7.19 22.84
CA LEU A 60 13.98 6.65 22.38
C LEU A 60 13.96 5.11 22.43
N SER A 61 13.41 4.54 23.50
CA SER A 61 13.31 3.10 23.63
C SER A 61 12.52 2.51 22.48
N ASP A 62 11.41 3.16 22.13
CA ASP A 62 10.56 2.70 21.04
C ASP A 62 11.32 2.70 19.72
N ILE A 63 12.11 3.75 19.54
CA ILE A 63 12.86 3.97 18.32
C ILE A 63 13.79 2.81 18.01
N VAL A 64 14.43 2.28 19.04
CA VAL A 64 15.38 1.23 18.79
C VAL A 64 14.73 -0.16 19.01
N SER A 65 13.62 -0.20 19.74
CA SER A 65 13.06 -1.50 20.14
C SER A 65 11.89 -2.00 19.30
N LYS A 66 11.16 -1.10 18.65
CA LYS A 66 9.91 -1.52 18.02
C LYS A 66 10.06 -1.75 16.52
N GLN A 67 9.96 -3.01 16.13
CA GLN A 67 10.18 -3.41 14.74
C GLN A 67 8.91 -3.25 13.91
N TYR A 68 7.76 -3.34 14.57
CA TYR A 68 6.47 -3.27 13.89
C TYR A 68 5.71 -2.05 14.32
N VAL A 69 5.53 -1.10 13.41
CA VAL A 69 5.12 0.23 13.79
C VAL A 69 3.77 0.64 13.20
N VAL A 70 2.96 1.30 14.01
CA VAL A 70 1.75 1.95 13.51
C VAL A 70 1.87 3.44 13.68
N VAL A 71 1.64 4.17 12.59
CA VAL A 71 1.66 5.62 12.66
C VAL A 71 0.25 6.18 12.46
N TYR A 72 -0.21 7.00 13.41
CA TYR A 72 -1.50 7.68 13.27
C TYR A 72 -1.31 9.02 12.54
N ASP A 73 -1.69 9.06 11.26
CA ASP A 73 -1.53 10.29 10.47
C ASP A 73 -2.77 11.17 10.57
N ARG A 74 -2.70 12.13 11.47
CA ARG A 74 -3.75 13.13 11.65
C ARG A 74 -3.59 14.21 10.57
N GLU A 75 -2.36 14.38 10.10
CA GLU A 75 -1.99 15.45 9.19
C GLU A 75 -2.48 15.24 7.75
N LYS A 76 -2.19 14.07 7.19
CA LYS A 76 -2.47 13.75 5.79
C LYS A 76 -1.73 14.74 4.89
N ASN A 77 -0.53 15.10 5.34
CA ASN A 77 0.23 16.25 4.84
C ASN A 77 1.49 15.82 4.08
N ASP A 78 1.94 16.65 3.14
CA ASP A 78 3.22 16.42 2.47
C ASP A 78 4.37 16.59 3.47
N VAL A 79 4.18 17.49 4.43
CA VAL A 79 5.12 17.66 5.52
C VAL A 79 5.22 16.37 6.32
N PHE A 80 4.07 15.75 6.55
CA PHE A 80 4.03 14.50 7.28
C PHE A 80 4.72 13.38 6.51
N PHE A 81 4.44 13.26 5.21
CA PHE A 81 4.98 12.13 4.47
C PHE A 81 6.51 12.18 4.38
N GLU A 82 7.09 13.37 4.32
CA GLU A 82 8.55 13.46 4.27
C GLU A 82 9.14 12.87 5.55
N LYS A 83 8.55 13.17 6.70
CA LYS A 83 8.98 12.59 7.97
C LYS A 83 8.78 11.08 8.00
N LEU A 84 7.60 10.65 7.57
CA LEU A 84 7.31 9.22 7.47
C LEU A 84 8.33 8.49 6.58
N TRP A 85 8.62 9.06 5.41
CA TRP A 85 9.51 8.41 4.46
C TRP A 85 10.96 8.43 4.92
N ASN A 86 11.44 9.58 5.37
CA ASN A 86 12.81 9.69 5.87
C ASN A 86 12.98 8.78 7.07
N GLY A 87 11.95 8.70 7.90
CA GLY A 87 11.93 7.77 9.02
C GLY A 87 12.00 6.31 8.59
N ALA A 88 11.21 5.95 7.58
CA ALA A 88 11.22 4.58 7.06
C ALA A 88 12.59 4.17 6.51
N LYS A 89 13.28 5.09 5.83
CA LYS A 89 14.60 4.77 5.29
C LYS A 89 15.53 4.40 6.44
N LEU A 90 15.38 5.08 7.58
CA LEU A 90 16.25 4.80 8.72
C LEU A 90 15.81 3.51 9.42
N HIS A 91 14.50 3.26 9.40
CA HIS A 91 13.93 2.04 9.96
C HIS A 91 14.52 0.83 9.27
N ALA A 92 14.72 0.94 7.96
CA ALA A 92 15.32 -0.16 7.20
C ALA A 92 16.81 -0.30 7.52
N LYS A 93 17.48 0.81 7.85
CA LYS A 93 18.89 0.72 8.26
C LYS A 93 19.00 -0.10 9.52
N LYS A 94 18.05 0.08 10.43
CA LYS A 94 18.00 -0.63 11.69
C LYS A 94 17.61 -2.10 11.53
N TRP A 95 16.52 -2.36 10.81
CA TRP A 95 15.91 -3.69 10.79
C TRP A 95 16.12 -4.47 9.50
N GLY A 96 16.82 -3.89 8.52
CA GLY A 96 16.89 -4.53 7.23
C GLY A 96 15.64 -4.16 6.44
N THR A 97 15.43 -4.80 5.30
CA THR A 97 14.37 -4.40 4.40
C THR A 97 13.02 -4.35 5.10
N SER A 98 12.33 -3.22 4.94
CA SER A 98 11.07 -2.98 5.61
C SER A 98 9.98 -2.63 4.61
N VAL A 99 8.73 -2.74 5.06
CA VAL A 99 7.60 -2.49 4.19
C VAL A 99 6.77 -1.33 4.73
N LEU A 100 6.58 -0.31 3.90
CA LEU A 100 5.72 0.82 4.27
C LEU A 100 4.31 0.57 3.75
N ILE A 101 3.35 0.40 4.65
CA ILE A 101 1.97 0.11 4.31
C ILE A 101 1.07 1.34 4.49
N ILE A 102 0.51 1.85 3.40
CA ILE A 102 -0.27 3.09 3.45
C ILE A 102 -1.75 2.75 3.26
N ASP A 103 -2.54 2.89 4.32
CA ASP A 103 -3.92 2.39 4.36
C ASP A 103 -4.86 3.07 3.39
N GLU A 104 -4.71 4.37 3.25
CA GLU A 104 -5.49 5.16 2.28
C GLU A 104 -4.51 6.04 1.53
N ALA A 105 -3.94 5.50 0.44
CA ALA A 105 -2.81 6.13 -0.21
C ALA A 105 -3.18 7.42 -0.93
N TYR A 106 -4.48 7.63 -1.14
CA TYR A 106 -4.99 8.87 -1.75
C TYR A 106 -4.37 10.11 -1.09
N TYR A 107 -4.25 10.08 0.23
CA TYR A 107 -3.80 11.27 0.97
C TYR A 107 -2.40 11.74 0.52
N HIS A 108 -1.52 10.80 0.20
CA HIS A 108 -0.16 11.16 -0.16
C HIS A 108 0.16 11.02 -1.64
N PHE A 109 -0.56 10.14 -2.33
CA PHE A 109 -0.21 9.78 -3.71
C PHE A 109 -1.25 10.21 -4.74
N LYS A 110 -2.22 11.02 -4.31
CA LYS A 110 -3.16 11.61 -5.23
C LYS A 110 -2.44 12.54 -6.18
N TYR A 111 -3.14 13.00 -7.18
CA TYR A 111 -2.50 13.90 -8.12
C TYR A 111 -2.06 15.21 -7.52
N ARG A 112 -0.81 15.57 -7.78
CA ARG A 112 -0.28 16.86 -7.40
C ARG A 112 0.59 17.40 -8.53
N GLN A 113 0.59 18.71 -8.71
CA GLN A 113 1.37 19.32 -9.78
C GLN A 113 2.85 19.17 -9.50
N LYS A 114 3.24 19.57 -8.30
CA LYS A 114 4.63 19.52 -7.86
C LYS A 114 4.80 18.37 -6.88
N VAL A 115 5.27 17.24 -7.38
CA VAL A 115 5.46 16.04 -6.56
C VAL A 115 6.63 16.24 -5.60
N THR A 116 6.37 16.09 -4.30
CA THR A 116 7.40 16.30 -3.30
C THR A 116 8.54 15.30 -3.46
N PRO A 117 9.77 15.72 -3.09
CA PRO A 117 10.95 14.86 -3.21
C PRO A 117 10.78 13.46 -2.61
N ALA A 118 10.09 13.35 -1.47
CA ALA A 118 9.90 12.06 -0.80
C ALA A 118 9.00 11.14 -1.61
N ILE A 119 7.89 11.67 -2.11
CA ILE A 119 7.00 10.87 -2.94
C ILE A 119 7.73 10.36 -4.17
N ASP A 120 8.59 11.22 -4.73
CA ASP A 120 9.38 10.83 -5.89
C ASP A 120 10.32 9.68 -5.55
N GLU A 121 10.99 9.78 -4.41
CA GLU A 121 11.85 8.71 -3.93
C GLU A 121 11.06 7.42 -3.72
N ALA A 122 9.91 7.53 -3.07
CA ALA A 122 9.07 6.38 -2.80
C ALA A 122 8.76 5.62 -4.07
N LEU A 123 8.50 6.34 -5.15
CA LEU A 123 8.05 5.70 -6.37
C LEU A 123 9.20 5.31 -7.29
N HIS A 124 10.31 6.04 -7.20
CA HIS A 124 11.41 5.80 -8.14
C HIS A 124 12.68 5.22 -7.53
N ALA A 125 12.87 5.38 -6.23
CA ALA A 125 14.11 4.88 -5.63
C ALA A 125 13.88 3.98 -4.43
N ASN A 126 12.73 3.30 -4.39
CA ASN A 126 12.36 2.54 -3.20
C ASN A 126 13.32 1.36 -2.96
N ARG A 127 13.80 0.73 -4.02
CA ARG A 127 14.71 -0.41 -3.83
C ARG A 127 16.11 0.03 -3.34
N HIS A 128 16.48 1.26 -3.64
CA HIS A 128 17.70 1.84 -3.07
C HIS A 128 17.56 2.06 -1.56
N ALA A 129 16.36 2.45 -1.14
CA ALA A 129 16.08 2.69 0.28
C ALA A 129 15.90 1.38 1.07
N GLY A 130 15.57 0.32 0.35
CA GLY A 130 15.24 -0.95 0.98
C GLY A 130 13.87 -0.91 1.62
N ILE A 131 12.94 -0.18 0.98
CA ILE A 131 11.59 -0.04 1.48
C ILE A 131 10.59 -0.53 0.44
N GLY A 132 9.88 -1.60 0.75
CA GLY A 132 8.80 -2.07 -0.10
C GLY A 132 7.58 -1.22 0.23
N LEU A 133 6.60 -1.19 -0.67
CA LEU A 133 5.39 -0.42 -0.45
C LEU A 133 4.14 -1.24 -0.69
N ILE A 134 3.17 -1.09 0.20
CA ILE A 134 1.82 -1.53 -0.09
C ILE A 134 0.92 -0.30 -0.05
N LEU A 135 0.39 0.08 -1.20
CA LEU A 135 -0.46 1.26 -1.29
C LEU A 135 -1.90 0.83 -1.47
N SER A 136 -2.73 1.10 -0.49
CA SER A 136 -4.13 0.68 -0.53
C SER A 136 -5.03 1.87 -0.86
N THR A 137 -5.98 1.68 -1.77
CA THR A 137 -6.90 2.77 -2.09
C THR A 137 -8.27 2.24 -2.54
N GLN A 138 -9.32 3.07 -2.49
CA GLN A 138 -10.66 2.59 -2.79
C GLN A 138 -10.96 2.51 -4.28
N ARG A 139 -10.48 3.49 -5.02
CA ARG A 139 -10.77 3.61 -6.44
C ARG A 139 -9.50 3.86 -7.23
N VAL A 140 -9.39 3.26 -8.40
CA VAL A 140 -8.15 3.26 -9.14
C VAL A 140 -7.67 4.69 -9.47
N TYR A 141 -8.60 5.60 -9.78
CA TYR A 141 -8.21 6.97 -10.15
C TYR A 141 -7.92 7.87 -8.95
N ASP A 142 -8.03 7.33 -7.73
CA ASP A 142 -7.59 8.04 -6.54
C ASP A 142 -6.10 8.39 -6.61
N LEU A 143 -5.34 7.63 -7.40
CA LEU A 143 -3.89 7.72 -7.39
C LEU A 143 -3.34 8.21 -8.72
N MET A 144 -2.22 8.93 -8.67
CA MET A 144 -1.53 9.36 -9.87
C MET A 144 -1.19 8.21 -10.79
N PRO A 145 -1.39 8.41 -12.10
CA PRO A 145 -1.01 7.42 -13.11
C PRO A 145 0.42 6.88 -12.92
N ILE A 146 1.35 7.74 -12.51
CA ILE A 146 2.75 7.34 -12.29
C ILE A 146 2.87 6.18 -11.28
N VAL A 147 2.00 6.16 -10.27
CA VAL A 147 2.00 5.09 -9.29
C VAL A 147 1.85 3.71 -9.98
N TYR A 148 0.93 3.62 -10.93
CA TYR A 148 0.69 2.36 -11.65
C TYR A 148 1.80 2.02 -12.63
N LYS A 149 2.40 3.04 -13.23
CA LYS A 149 3.61 2.81 -14.03
C LYS A 149 4.75 2.23 -13.18
N GLN A 150 4.90 2.75 -11.95
CA GLN A 150 6.03 2.35 -11.11
C GLN A 150 5.81 1.09 -10.26
N ALA A 151 4.56 0.63 -10.19
CA ALA A 151 4.22 -0.53 -9.37
C ALA A 151 4.78 -1.82 -9.95
N ASP A 152 4.98 -2.83 -9.09
CA ASP A 152 5.37 -4.16 -9.57
C ASP A 152 4.15 -5.06 -9.69
N LEU A 153 3.20 -4.84 -8.79
CA LEU A 153 2.00 -5.66 -8.75
C LEU A 153 0.79 -4.76 -8.50
N ILE A 154 -0.30 -4.96 -9.24
CA ILE A 154 -1.53 -4.24 -9.00
C ILE A 154 -2.67 -5.23 -8.72
N ILE A 155 -3.22 -5.17 -7.51
CA ILE A 155 -4.27 -6.07 -7.07
C ILE A 155 -5.61 -5.34 -7.10
N MET A 156 -6.61 -5.92 -7.75
CA MET A 156 -7.91 -5.28 -7.90
C MET A 156 -9.06 -6.18 -7.49
N PHE A 157 -10.00 -5.62 -6.72
CA PHE A 157 -11.23 -6.31 -6.38
C PHE A 157 -12.33 -5.82 -7.36
N TYR A 158 -13.46 -6.49 -7.33
CA TYR A 158 -14.56 -6.21 -8.25
C TYR A 158 -14.98 -4.74 -8.27
N THR A 159 -15.17 -4.18 -9.45
CA THR A 159 -15.85 -2.88 -9.53
C THR A 159 -16.81 -2.87 -10.70
N ARG A 160 -17.89 -2.11 -10.54
CA ARG A 160 -18.90 -1.96 -11.58
C ARG A 160 -18.68 -0.68 -12.37
N GLU A 161 -18.23 0.36 -11.65
CA GLU A 161 -18.18 1.71 -12.19
C GLU A 161 -17.45 1.81 -13.54
N PRO A 162 -18.17 2.28 -14.57
CA PRO A 162 -17.61 2.48 -15.91
C PRO A 162 -16.41 3.42 -15.89
N ASN A 163 -16.47 4.47 -15.09
CA ASN A 163 -15.33 5.38 -14.91
C ASN A 163 -14.06 4.64 -14.52
N GLU A 164 -14.20 3.68 -13.60
CA GLU A 164 -13.06 2.90 -13.14
C GLU A 164 -12.49 1.97 -14.20
N LEU A 165 -13.38 1.27 -14.91
CA LEU A 165 -12.96 0.33 -15.94
C LEU A 165 -12.19 1.02 -17.06
N LYS A 166 -12.68 2.18 -17.48
CA LYS A 166 -12.01 2.89 -18.57
C LYS A 166 -10.67 3.43 -18.12
N TRP A 167 -10.61 3.88 -16.87
CA TRP A 167 -9.37 4.35 -16.28
C TRP A 167 -8.34 3.21 -16.19
N ILE A 168 -8.79 2.03 -15.75
CA ILE A 168 -7.96 0.84 -15.69
C ILE A 168 -7.40 0.50 -17.07
N SER A 169 -8.29 0.41 -18.05
CA SER A 169 -7.88 0.13 -19.42
C SER A 169 -6.93 1.19 -19.97
N LYS A 170 -7.17 2.45 -19.62
CA LYS A 170 -6.35 3.54 -20.15
C LYS A 170 -4.96 3.56 -19.54
N TYR A 171 -4.88 3.37 -18.22
CA TYR A 171 -3.62 3.58 -17.53
C TYR A 171 -2.93 2.32 -17.05
N ILE A 172 -3.65 1.20 -17.02
CA ILE A 172 -3.06 -0.04 -16.51
C ILE A 172 -3.07 -1.16 -17.53
N SER A 173 -4.25 -1.66 -17.84
CA SER A 173 -4.34 -2.87 -18.67
C SER A 173 -5.76 -3.14 -19.11
N THR A 174 -5.96 -3.29 -20.41
CA THR A 174 -7.29 -3.50 -20.95
C THR A 174 -7.82 -4.86 -20.53
N GLU A 175 -6.94 -5.87 -20.51
CA GLU A 175 -7.36 -7.20 -20.12
C GLU A 175 -7.77 -7.25 -18.64
N ALA A 176 -7.08 -6.48 -17.81
CA ALA A 176 -7.45 -6.38 -16.40
C ALA A 176 -8.84 -5.77 -16.23
N ALA A 177 -9.11 -4.69 -16.98
CA ALA A 177 -10.41 -4.03 -16.94
C ALA A 177 -11.52 -4.99 -17.35
N GLU A 178 -11.19 -5.87 -18.29
CA GLU A 178 -12.14 -6.86 -18.75
C GLU A 178 -12.46 -7.91 -17.69
N LYS A 179 -11.43 -8.40 -17.02
CA LYS A 179 -11.64 -9.48 -16.07
C LYS A 179 -12.09 -8.99 -14.68
N VAL A 180 -11.78 -7.74 -14.34
CA VAL A 180 -12.16 -7.25 -13.02
C VAL A 180 -13.69 -7.21 -12.89
N LYS A 181 -14.40 -7.05 -14.00
CA LYS A 181 -15.85 -6.94 -13.91
C LYS A 181 -16.48 -8.32 -13.77
N THR A 182 -15.67 -9.36 -13.86
CA THR A 182 -16.14 -10.73 -13.74
C THR A 182 -15.93 -11.31 -12.34
N LEU A 183 -15.27 -10.54 -11.47
CA LEU A 183 -14.89 -11.07 -10.17
C LEU A 183 -16.08 -11.27 -9.26
N LYS A 184 -16.18 -12.46 -8.67
CA LYS A 184 -17.14 -12.71 -7.60
C LYS A 184 -16.67 -12.03 -6.31
N GLN A 185 -17.55 -11.94 -5.31
CA GLN A 185 -17.18 -11.25 -4.08
C GLN A 185 -15.96 -11.87 -3.41
N TYR A 186 -15.04 -11.00 -3.02
CA TYR A 186 -13.79 -11.36 -2.32
C TYR A 186 -12.71 -11.99 -3.20
N TYR A 187 -13.08 -12.37 -4.42
CA TYR A 187 -12.06 -12.75 -5.40
C TYR A 187 -11.25 -11.50 -5.75
N PHE A 188 -9.99 -11.70 -6.11
CA PHE A 188 -9.20 -10.56 -6.53
C PHE A 188 -8.29 -10.90 -7.71
N LEU A 189 -8.14 -9.92 -8.60
CA LEU A 189 -7.32 -10.02 -9.78
C LEU A 189 -5.95 -9.43 -9.50
N ILE A 190 -4.91 -10.15 -9.89
CA ILE A 190 -3.55 -9.65 -9.77
C ILE A 190 -2.91 -9.45 -11.13
N TYR A 191 -2.52 -8.20 -11.41
CA TYR A 191 -1.76 -7.84 -12.59
C TYR A 191 -0.29 -7.65 -12.20
N ASP A 192 0.58 -8.48 -12.77
CA ASP A 192 2.02 -8.36 -12.55
C ASP A 192 2.53 -7.43 -13.64
N VAL A 193 2.99 -6.26 -13.22
CA VAL A 193 3.42 -5.21 -14.14
C VAL A 193 4.69 -5.61 -14.88
N ASN A 194 5.50 -6.45 -14.23
CA ASN A 194 6.80 -6.81 -14.79
C ASN A 194 6.69 -7.96 -15.81
N SER A 195 5.75 -8.88 -15.59
CA SER A 195 5.53 -10.01 -16.50
C SER A 195 4.34 -9.78 -17.42
N GLN A 196 3.61 -8.69 -17.16
CA GLN A 196 2.42 -8.32 -17.92
C GLN A 196 1.31 -9.37 -17.85
N MET A 197 1.34 -10.18 -16.79
CA MET A 197 0.41 -11.29 -16.65
C MET A 197 -0.68 -11.08 -15.60
N ILE A 198 -1.87 -11.59 -15.89
CA ILE A 198 -3.02 -11.44 -15.01
C ILE A 198 -3.47 -12.79 -14.46
N LYS A 199 -3.65 -12.86 -13.15
CA LYS A 199 -4.15 -14.08 -12.52
C LYS A 199 -5.34 -13.75 -11.63
N ILE A 200 -6.36 -14.59 -11.63
CA ILE A 200 -7.48 -14.37 -10.71
C ILE A 200 -7.30 -15.26 -9.49
N HIS A 201 -7.45 -14.67 -8.32
CA HIS A 201 -7.26 -15.39 -7.07
C HIS A 201 -8.57 -15.62 -6.33
N LYS A 202 -8.71 -16.82 -5.75
CA LYS A 202 -9.85 -17.13 -4.90
C LYS A 202 -9.76 -16.37 -3.57
N PRO A 203 -10.87 -16.25 -2.85
CA PRO A 203 -10.87 -15.50 -1.59
C PRO A 203 -9.96 -16.09 -0.51
N ILE A 204 -9.33 -15.23 0.29
CA ILE A 204 -8.54 -15.65 1.46
C ILE A 204 -9.43 -16.44 2.43
N HIS A 205 -8.90 -17.48 3.06
CA HIS A 205 -9.69 -18.30 3.99
C HIS A 205 -10.29 -17.47 5.13
ZN ZN B . -0.45 9.34 5.90
#